data_9E9X
#
_entry.id   9E9X
#
_cell.length_a   1.00
_cell.length_b   1.00
_cell.length_c   1.00
_cell.angle_alpha   90.00
_cell.angle_beta   90.00
_cell.angle_gamma   90.00
#
_symmetry.space_group_name_H-M   'P 1'
#
loop_
_entity.id
_entity.type
_entity.pdbx_description
1 polymer Alpha-synuclein
2 polymer 'unknown protein deposit 1'
3 polymer 'unknown protein deposit 2'
#
loop_
_entity_poly.entity_id
_entity_poly.type
_entity_poly.pdbx_seq_one_letter_code
_entity_poly.pdbx_strand_id
1 'polypeptide(L)'
;MDVFMKGLSKAKEGVVAAAEKTKQGVAEAAGKTKEGVLYVGSKTKEGVVHGVATVAEKTKEQVTNVGGAVVTGVTAVAQK
TVEGAGSIAAATGFVKKDQLGKNEEGAPQEGILEDMPVDPDNEAYEMPSEEGYQDYEPEA
;
A,B,C,D,E,F
2 'polypeptide(L)' (UNK)(UNK)(UNK)(UNK)(UNK)(UNK) G
3 'polypeptide(L)' (UNK)(UNK)(UNK)(UNK)(UNK) H,I
#
# COMPACT_ATOMS: atom_id res chain seq x y z
N GLY A 14 8.01 -17.21 8.93
CA GLY A 14 7.52 -18.46 9.48
C GLY A 14 6.50 -18.27 10.59
N VAL A 15 5.23 -18.46 10.26
CA VAL A 15 4.13 -18.22 11.19
C VAL A 15 3.43 -19.53 11.49
N VAL A 16 3.23 -19.81 12.79
CA VAL A 16 2.55 -21.01 13.23
C VAL A 16 1.63 -20.62 14.38
N ALA A 17 0.37 -21.08 14.34
CA ALA A 17 -0.55 -20.76 15.42
C ALA A 17 -1.62 -21.84 15.52
N ALA A 18 -1.55 -22.64 16.58
CA ALA A 18 -2.45 -23.77 16.76
C ALA A 18 -3.07 -23.72 18.14
N ALA A 19 -3.74 -24.81 18.52
CA ALA A 19 -4.39 -24.93 19.83
C ALA A 19 -4.61 -26.41 20.19
N GLU A 20 -4.11 -26.83 21.34
CA GLU A 20 -4.16 -28.23 21.74
C GLU A 20 -4.82 -28.36 23.11
N LYS A 21 -5.35 -29.55 23.37
CA LYS A 21 -5.89 -29.97 24.67
C LYS A 21 -6.99 -29.02 25.14
N THR A 22 -8.06 -29.00 24.37
CA THR A 22 -9.13 -28.02 24.57
C THR A 22 -10.48 -28.70 24.44
N LYS A 23 -11.50 -28.05 25.01
CA LYS A 23 -12.88 -28.48 24.81
C LYS A 23 -13.43 -28.06 23.46
N GLN A 24 -12.97 -26.92 22.93
CA GLN A 24 -13.36 -26.44 21.62
C GLN A 24 -12.26 -25.52 21.10
N GLY A 25 -11.62 -25.91 20.00
CA GLY A 25 -10.42 -25.24 19.52
C GLY A 25 -10.71 -24.33 18.35
N VAL A 26 -10.20 -23.10 18.43
CA VAL A 26 -10.26 -22.12 17.35
C VAL A 26 -8.83 -21.66 17.11
N ALA A 27 -8.43 -21.54 15.85
CA ALA A 27 -7.09 -21.08 15.53
C ALA A 27 -7.12 -20.29 14.23
N GLU A 28 -6.62 -19.05 14.28
CA GLU A 28 -6.47 -18.26 13.08
C GLU A 28 -5.22 -18.70 12.33
N ALA A 29 -5.04 -18.15 11.14
CA ALA A 29 -4.07 -18.71 10.21
C ALA A 29 -3.27 -17.70 9.39
N ALA A 30 -3.12 -16.47 9.85
CA ALA A 30 -2.31 -15.43 9.19
C ALA A 30 -2.84 -15.12 7.79
N GLY A 31 -4.13 -14.78 7.72
CA GLY A 31 -4.76 -14.40 6.48
C GLY A 31 -5.06 -12.92 6.46
N LYS A 32 -4.74 -12.28 5.34
CA LYS A 32 -5.00 -10.86 5.16
C LYS A 32 -6.48 -10.63 4.88
N THR A 33 -7.00 -9.52 5.42
CA THR A 33 -8.34 -9.05 5.13
C THR A 33 -8.26 -7.60 4.67
N LYS A 34 -9.20 -7.20 3.83
CA LYS A 34 -9.29 -5.81 3.35
C LYS A 34 -10.77 -5.43 3.35
N GLU A 35 -11.26 -4.93 4.48
CA GLU A 35 -12.67 -4.66 4.66
C GLU A 35 -12.89 -3.16 4.83
N GLY A 36 -12.93 -2.46 3.70
CA GLY A 36 -13.05 -1.02 3.74
C GLY A 36 -12.65 -0.43 2.41
N VAL A 37 -12.62 0.90 2.37
CA VAL A 37 -12.34 1.64 1.15
C VAL A 37 -10.85 1.71 0.93
N LEU A 38 -10.40 1.41 -0.29
CA LEU A 38 -9.01 1.61 -0.69
C LEU A 38 -9.04 2.39 -2.00
N TYR A 39 -9.12 3.71 -1.90
CA TYR A 39 -9.03 4.54 -3.09
C TYR A 39 -7.57 4.60 -3.53
N VAL A 40 -7.35 4.45 -4.83
CA VAL A 40 -6.06 4.72 -5.45
C VAL A 40 -6.34 5.59 -6.67
N GLY A 41 -5.60 6.69 -6.79
CA GLY A 41 -5.79 7.57 -7.93
C GLY A 41 -5.16 7.05 -9.19
N SER A 42 -3.94 6.51 -9.08
CA SER A 42 -3.26 5.89 -10.21
C SER A 42 -2.19 4.95 -9.68
N LYS A 43 -2.45 3.65 -9.77
CA LYS A 43 -1.49 2.62 -9.33
C LYS A 43 -0.70 2.12 -10.54
N THR A 44 0.19 2.98 -11.04
CA THR A 44 0.86 2.75 -12.31
C THR A 44 2.34 2.46 -12.11
N LYS A 45 2.83 1.43 -12.80
CA LYS A 45 4.25 1.28 -13.09
C LYS A 45 4.51 1.84 -14.48
N GLU A 46 5.60 2.58 -14.61
CA GLU A 46 5.85 3.37 -15.82
C GLU A 46 7.27 3.13 -16.33
N GLY A 47 7.64 1.86 -16.48
CA GLY A 47 8.95 1.53 -16.98
C GLY A 47 9.85 0.83 -15.97
N VAL A 48 9.27 -0.04 -15.16
CA VAL A 48 9.98 -0.66 -14.04
C VAL A 48 10.43 -2.06 -14.43
N VAL A 49 11.37 -2.60 -13.66
CA VAL A 49 11.86 -3.96 -13.80
C VAL A 49 11.52 -4.71 -12.52
N HIS A 50 11.17 -5.99 -12.67
CA HIS A 50 10.75 -6.77 -11.51
C HIS A 50 11.02 -8.24 -11.81
N GLY A 51 11.17 -9.03 -10.74
CA GLY A 51 11.20 -10.48 -10.85
C GLY A 51 12.52 -11.07 -11.32
N VAL A 52 13.40 -10.29 -11.93
CA VAL A 52 14.71 -10.79 -12.34
C VAL A 52 15.56 -10.99 -11.08
N ALA A 53 16.25 -12.13 -11.02
CA ALA A 53 17.14 -12.43 -9.91
C ALA A 53 18.15 -13.46 -10.39
N THR A 54 19.38 -13.38 -9.88
CA THR A 54 20.46 -14.27 -10.30
C THR A 54 21.36 -14.60 -9.12
N VAL A 55 21.86 -15.83 -9.09
CA VAL A 55 22.78 -16.32 -8.06
C VAL A 55 23.93 -17.01 -8.76
N ALA A 56 25.15 -16.56 -8.50
CA ALA A 56 26.35 -17.11 -9.13
C ALA A 56 26.94 -18.24 -8.30
N GLU A 57 27.49 -19.25 -8.98
CA GLU A 57 28.10 -20.38 -8.30
C GLU A 57 29.11 -21.04 -9.23
N LYS A 58 30.30 -21.35 -8.69
CA LYS A 58 31.35 -22.14 -9.36
C LYS A 58 31.80 -21.48 -10.66
N THR A 59 31.75 -20.15 -10.70
CA THR A 59 32.13 -19.43 -11.90
C THR A 59 33.65 -19.36 -12.02
N LYS A 60 34.13 -19.29 -13.26
CA LYS A 60 35.55 -19.35 -13.57
C LYS A 60 35.93 -18.27 -14.57
N GLU A 61 35.55 -17.03 -14.26
CA GLU A 61 35.78 -15.91 -15.17
C GLU A 61 37.27 -15.68 -15.41
N GLN A 62 37.62 -15.46 -16.69
CA GLN A 62 38.97 -15.05 -17.07
C GLN A 62 38.84 -13.88 -18.03
N VAL A 63 39.69 -12.86 -17.85
CA VAL A 63 39.67 -11.66 -18.68
C VAL A 63 41.09 -11.36 -19.14
N THR A 64 41.23 -11.07 -20.43
CA THR A 64 42.47 -10.52 -20.99
C THR A 64 42.06 -9.34 -21.85
N ASN A 65 41.97 -8.17 -21.22
CA ASN A 65 41.50 -6.94 -21.85
C ASN A 65 42.68 -6.04 -22.16
N VAL A 66 42.59 -5.29 -23.27
CA VAL A 66 43.69 -4.46 -23.74
C VAL A 66 43.30 -2.99 -23.85
N GLY A 67 42.07 -2.65 -23.48
CA GLY A 67 41.56 -1.33 -23.78
C GLY A 67 40.12 -1.37 -24.28
N GLY A 68 39.48 -2.51 -24.11
CA GLY A 68 38.06 -2.67 -24.34
C GLY A 68 37.27 -2.45 -23.07
N ALA A 69 36.28 -3.31 -22.84
CA ALA A 69 35.46 -3.24 -21.64
C ALA A 69 34.82 -4.61 -21.42
N VAL A 70 34.89 -5.11 -20.19
CA VAL A 70 34.28 -6.39 -19.85
C VAL A 70 33.50 -6.23 -18.56
N VAL A 71 32.18 -6.45 -18.60
CA VAL A 71 31.33 -6.44 -17.43
C VAL A 71 30.75 -7.83 -17.27
N THR A 72 30.69 -8.30 -16.02
CA THR A 72 30.13 -9.62 -15.72
C THR A 72 29.09 -9.43 -14.59
N GLY A 73 28.15 -8.53 -14.86
CA GLY A 73 27.00 -8.31 -14.00
C GLY A 73 25.83 -9.17 -14.39
N VAL A 74 24.62 -8.67 -14.08
CA VAL A 74 23.37 -9.12 -14.68
C VAL A 74 22.58 -7.85 -14.99
N THR A 75 22.54 -7.46 -16.26
CA THR A 75 22.04 -6.14 -16.63
C THR A 75 20.52 -6.02 -16.42
N ALA A 76 20.11 -4.85 -15.96
CA ALA A 76 18.70 -4.55 -15.74
C ALA A 76 18.53 -3.04 -15.71
N VAL A 77 17.86 -2.49 -16.71
CA VAL A 77 17.75 -1.05 -16.90
C VAL A 77 16.29 -0.64 -16.74
N ALA A 78 16.05 0.39 -15.95
CA ALA A 78 14.75 1.04 -15.81
C ALA A 78 14.96 2.51 -16.09
N GLN A 79 14.00 3.12 -16.80
CA GLN A 79 14.23 4.45 -17.34
C GLN A 79 12.88 5.05 -17.74
N LYS A 80 12.84 6.38 -17.78
CA LYS A 80 11.61 7.09 -18.15
C LYS A 80 11.79 8.01 -19.35
N THR A 81 12.80 8.87 -19.38
CA THR A 81 12.82 9.96 -20.35
C THR A 81 14.25 10.35 -20.68
N VAL A 82 14.56 10.42 -21.99
CA VAL A 82 15.76 11.10 -22.47
C VAL A 82 15.37 12.00 -23.62
N GLU A 83 16.21 13.00 -23.89
CA GLU A 83 16.11 13.81 -25.08
C GLU A 83 17.49 14.40 -25.39
N GLY A 84 17.55 15.11 -26.51
CA GLY A 84 18.78 15.63 -27.08
C GLY A 84 19.08 15.00 -28.42
N ALA A 85 19.93 15.66 -29.21
CA ALA A 85 20.18 15.26 -30.58
C ALA A 85 21.01 13.99 -30.64
N GLY A 86 20.39 12.90 -31.08
CA GLY A 86 21.07 11.62 -31.19
C GLY A 86 21.50 11.02 -29.87
N SER A 87 20.61 11.03 -28.87
CA SER A 87 20.94 10.50 -27.56
C SER A 87 20.89 8.97 -27.57
N ILE A 88 21.31 8.37 -26.46
CA ILE A 88 21.34 6.93 -26.30
C ILE A 88 20.87 6.59 -24.88
N ALA A 89 20.03 5.57 -24.77
CA ALA A 89 19.35 5.27 -23.51
C ALA A 89 19.90 4.02 -22.82
N ALA A 90 20.01 2.90 -23.53
CA ALA A 90 20.59 1.69 -22.97
C ALA A 90 21.59 1.15 -23.99
N ALA A 91 22.81 0.86 -23.52
CA ALA A 91 23.93 0.57 -24.40
C ALA A 91 24.74 -0.62 -23.89
N THR A 92 24.07 -1.72 -23.55
CA THR A 92 24.78 -2.90 -23.07
C THR A 92 25.61 -3.52 -24.18
N GLY A 93 26.93 -3.41 -24.07
CA GLY A 93 27.82 -3.93 -25.09
C GLY A 93 27.94 -3.02 -26.30
N PHE A 94 28.37 -1.79 -26.08
CA PHE A 94 28.40 -0.76 -27.11
C PHE A 94 29.84 -0.39 -27.45
N VAL A 95 30.13 -0.25 -28.74
CA VAL A 95 31.45 0.15 -29.22
C VAL A 95 31.25 1.36 -30.12
N LYS A 96 31.39 2.55 -29.55
CA LYS A 96 31.02 3.81 -30.19
C LYS A 96 32.31 4.50 -30.63
N LYS A 97 32.70 4.29 -31.89
CA LYS A 97 33.98 4.75 -32.41
C LYS A 97 33.81 5.42 -33.77
N ASP A 98 32.88 6.35 -33.88
CA ASP A 98 32.63 7.00 -35.16
C ASP A 98 33.79 7.93 -35.55
N GLN A 99 34.11 7.93 -36.84
CA GLN A 99 35.14 8.81 -37.39
C GLN A 99 34.51 10.09 -37.91
N LEU A 100 35.25 11.18 -37.79
CA LEU A 100 34.79 12.48 -38.29
C LEU A 100 35.83 13.11 -39.21
N GLY B 14 9.59 -14.34 12.30
CA GLY B 14 8.82 -15.51 12.69
C GLY B 14 7.82 -15.21 13.80
N VAL B 15 6.61 -15.74 13.66
CA VAL B 15 5.52 -15.49 14.59
C VAL B 15 4.95 -16.82 15.07
N VAL B 16 4.64 -16.89 16.36
CA VAL B 16 4.08 -18.09 16.96
C VAL B 16 3.00 -17.65 17.93
N ALA B 17 1.88 -18.37 17.96
CA ALA B 17 0.85 -18.12 18.97
C ALA B 17 0.00 -19.37 19.18
N ALA B 18 0.32 -20.15 20.21
CA ALA B 18 -0.33 -21.43 20.42
C ALA B 18 -1.11 -21.38 21.74
N ALA B 19 -1.61 -22.54 22.15
CA ALA B 19 -2.33 -22.68 23.40
C ALA B 19 -2.19 -24.12 23.87
N GLU B 20 -1.50 -24.32 24.98
CA GLU B 20 -1.11 -25.67 25.41
C GLU B 20 -1.48 -25.89 26.86
N LYS B 21 -1.70 -27.16 27.20
CA LYS B 21 -1.97 -27.64 28.57
C LYS B 21 -3.15 -26.91 29.20
N THR B 22 -4.20 -26.69 28.40
CA THR B 22 -5.32 -25.85 28.77
C THR B 22 -6.58 -26.70 28.92
N LYS B 23 -7.71 -26.04 29.15
CA LYS B 23 -9.03 -26.67 29.14
C LYS B 23 -9.95 -26.10 28.08
N GLN B 24 -9.68 -24.88 27.62
CA GLN B 24 -10.36 -24.26 26.49
C GLN B 24 -9.34 -23.35 25.81
N GLY B 25 -9.49 -23.13 24.51
CA GLY B 25 -8.51 -22.37 23.77
C GLY B 25 -9.04 -21.72 22.52
N VAL B 26 -8.44 -20.59 22.16
CA VAL B 26 -8.67 -19.89 20.91
C VAL B 26 -7.47 -19.01 20.63
N ALA B 27 -6.92 -19.09 19.42
CA ALA B 27 -5.64 -18.45 19.14
C ALA B 27 -5.73 -17.63 17.86
N GLU B 28 -4.85 -16.63 17.77
CA GLU B 28 -4.73 -15.80 16.58
C GLU B 28 -3.34 -15.99 15.98
N ALA B 29 -3.10 -15.38 14.82
CA ALA B 29 -1.96 -15.81 14.02
C ALA B 29 -1.17 -14.75 13.27
N ALA B 30 -1.27 -13.47 13.62
CA ALA B 30 -0.68 -12.36 12.86
C ALA B 30 -1.19 -12.33 11.43
N GLY B 31 -2.50 -12.10 11.31
CA GLY B 31 -3.11 -11.83 10.02
C GLY B 31 -3.41 -10.35 9.91
N LYS B 32 -2.92 -9.74 8.84
CA LYS B 32 -3.14 -8.32 8.61
C LYS B 32 -4.62 -8.04 8.32
N THR B 33 -5.09 -6.89 8.80
CA THR B 33 -6.45 -6.44 8.52
C THR B 33 -6.37 -4.99 8.08
N LYS B 34 -7.15 -4.62 7.08
CA LYS B 34 -7.23 -3.25 6.60
C LYS B 34 -8.71 -2.85 6.59
N GLU B 35 -9.21 -2.40 7.74
CA GLU B 35 -10.64 -2.13 7.92
C GLU B 35 -10.86 -0.63 8.05
N GLY B 36 -10.90 0.07 6.93
CA GLY B 36 -10.99 1.52 6.96
C GLY B 36 -10.65 2.09 5.61
N VAL B 37 -10.46 3.41 5.59
CA VAL B 37 -10.26 4.17 4.36
C VAL B 37 -8.76 4.39 4.17
N LEU B 38 -8.26 4.11 2.97
CA LEU B 38 -6.89 4.41 2.60
C LEU B 38 -6.88 5.12 1.26
N TYR B 39 -7.00 6.44 1.29
CA TYR B 39 -6.90 7.23 0.08
C TYR B 39 -5.45 7.24 -0.40
N VAL B 40 -5.29 7.13 -1.72
CA VAL B 40 -4.00 7.31 -2.38
C VAL B 40 -4.24 8.25 -3.57
N GLY B 41 -3.41 9.27 -3.70
CA GLY B 41 -3.56 10.16 -4.84
C GLY B 41 -2.89 9.61 -6.09
N SER B 42 -1.69 9.06 -5.94
CA SER B 42 -0.99 8.41 -7.04
C SER B 42 0.07 7.48 -6.45
N LYS B 43 -0.14 6.18 -6.57
CA LYS B 43 0.83 5.18 -6.11
C LYS B 43 1.62 4.72 -7.34
N THR B 44 2.57 5.54 -7.75
CA THR B 44 3.29 5.33 -8.99
C THR B 44 4.68 4.78 -8.74
N LYS B 45 5.11 3.83 -9.56
CA LYS B 45 6.50 3.43 -9.70
C LYS B 45 7.00 3.96 -11.03
N GLU B 46 8.12 4.68 -11.02
CA GLU B 46 8.59 5.42 -12.19
C GLU B 46 10.02 4.98 -12.47
N GLY B 47 10.17 3.89 -13.22
CA GLY B 47 11.47 3.34 -13.52
C GLY B 47 12.17 2.73 -12.32
N VAL B 48 11.64 1.64 -11.78
CA VAL B 48 12.13 1.04 -10.55
C VAL B 48 12.54 -0.40 -10.85
N VAL B 49 13.85 -0.64 -10.92
CA VAL B 49 14.33 -2.01 -11.00
C VAL B 49 14.33 -2.62 -9.60
N HIS B 50 13.78 -3.82 -9.49
CA HIS B 50 13.40 -4.37 -8.20
C HIS B 50 13.51 -5.89 -8.26
N GLY B 51 13.78 -6.50 -7.11
CA GLY B 51 13.69 -7.93 -6.96
C GLY B 51 14.96 -8.71 -7.24
N VAL B 52 16.02 -8.06 -7.64
CA VAL B 52 17.30 -8.74 -7.89
C VAL B 52 18.04 -8.87 -6.58
N ALA B 53 18.70 -10.02 -6.40
CA ALA B 53 19.55 -10.27 -5.25
C ALA B 53 20.55 -11.38 -5.58
N THR B 54 21.82 -11.18 -5.24
CA THR B 54 22.90 -12.04 -5.69
C THR B 54 23.47 -12.84 -4.52
N VAL B 55 23.89 -14.07 -4.80
CA VAL B 55 24.67 -14.87 -3.86
C VAL B 55 25.83 -15.44 -4.66
N ALA B 56 27.06 -15.15 -4.24
CA ALA B 56 28.27 -15.61 -4.90
C ALA B 56 28.91 -16.73 -4.09
N GLU B 57 29.26 -17.82 -4.74
CA GLU B 57 29.86 -18.96 -4.07
C GLU B 57 30.86 -19.62 -5.00
N LYS B 58 32.05 -19.95 -4.48
CA LYS B 58 33.13 -20.61 -5.24
C LYS B 58 33.52 -19.81 -6.48
N THR B 59 33.59 -18.48 -6.33
CA THR B 59 33.97 -17.61 -7.43
C THR B 59 35.46 -17.77 -7.73
N LYS B 60 35.81 -17.71 -9.00
CA LYS B 60 37.20 -17.86 -9.45
C LYS B 60 37.56 -16.79 -10.47
N GLU B 61 37.30 -15.53 -10.11
CA GLU B 61 37.63 -14.40 -10.98
C GLU B 61 39.13 -14.32 -11.25
N GLN B 62 39.47 -14.10 -12.52
CA GLN B 62 40.84 -13.85 -12.94
C GLN B 62 40.81 -12.67 -13.90
N VAL B 63 41.44 -11.56 -13.52
CA VAL B 63 41.35 -10.31 -14.27
C VAL B 63 42.75 -9.90 -14.70
N THR B 64 42.89 -9.58 -15.98
CA THR B 64 44.14 -9.05 -16.54
C THR B 64 43.77 -7.90 -17.47
N ASN B 65 44.20 -6.69 -17.13
CA ASN B 65 43.79 -5.48 -17.83
C ASN B 65 45.00 -4.57 -18.05
N VAL B 66 45.19 -4.14 -19.30
CA VAL B 66 46.34 -3.30 -19.64
C VAL B 66 45.81 -2.01 -20.25
N GLY B 67 44.70 -1.50 -19.70
CA GLY B 67 44.22 -0.20 -20.11
C GLY B 67 42.77 -0.12 -20.50
N GLY B 68 41.98 -1.10 -20.07
CA GLY B 68 40.55 -1.06 -20.30
C GLY B 68 39.75 -0.89 -19.04
N ALA B 69 38.54 -1.44 -19.01
CA ALA B 69 37.69 -1.38 -17.83
C ALA B 69 37.07 -2.74 -17.60
N VAL B 70 37.08 -3.21 -16.37
CA VAL B 70 36.47 -4.48 -16.01
C VAL B 70 35.64 -4.26 -14.75
N VAL B 71 34.36 -4.64 -14.82
CA VAL B 71 33.46 -4.57 -13.67
C VAL B 71 32.90 -5.96 -13.44
N THR B 72 32.78 -6.36 -12.17
CA THR B 72 32.17 -7.63 -11.80
C THR B 72 31.18 -7.36 -10.65
N GLY B 73 30.28 -6.42 -10.88
CA GLY B 73 29.15 -6.21 -10.00
C GLY B 73 27.95 -6.98 -10.51
N VAL B 74 26.74 -6.43 -10.29
CA VAL B 74 25.52 -6.87 -10.98
C VAL B 74 24.80 -5.59 -11.39
N THR B 75 24.96 -5.18 -12.65
CA THR B 75 24.54 -3.84 -13.05
C THR B 75 23.03 -3.68 -13.07
N ALA B 76 22.53 -2.68 -12.34
CA ALA B 76 21.09 -2.46 -12.19
C ALA B 76 20.84 -0.97 -12.13
N VAL B 77 20.38 -0.39 -13.23
CA VAL B 77 20.24 1.05 -13.41
C VAL B 77 18.75 1.41 -13.29
N ALA B 78 18.47 2.56 -12.67
CA ALA B 78 17.11 3.08 -12.59
C ALA B 78 17.17 4.60 -12.65
N GLN B 79 16.69 5.18 -13.74
CA GLN B 79 16.71 6.64 -13.91
C GLN B 79 15.31 7.14 -14.23
N LYS B 80 15.20 8.47 -14.36
CA LYS B 80 13.97 9.11 -14.80
C LYS B 80 14.16 10.11 -15.93
N THR B 81 15.23 10.90 -15.91
CA THR B 81 15.38 11.96 -16.89
C THR B 81 16.85 12.21 -17.15
N VAL B 82 17.21 12.39 -18.42
CA VAL B 82 18.50 12.94 -18.81
C VAL B 82 18.24 14.10 -19.75
N GLU B 83 19.21 15.01 -19.84
CA GLU B 83 19.07 16.21 -20.65
C GLU B 83 20.41 16.45 -21.34
N GLY B 84 20.33 16.96 -22.56
CA GLY B 84 21.50 17.36 -23.31
C GLY B 84 21.57 16.68 -24.67
N ALA B 85 22.22 17.37 -25.61
CA ALA B 85 22.34 16.87 -26.97
C ALA B 85 23.36 15.73 -27.00
N GLY B 86 22.92 14.57 -27.48
CA GLY B 86 23.80 13.42 -27.50
C GLY B 86 24.09 12.83 -26.15
N SER B 87 23.16 12.97 -25.19
CA SER B 87 23.36 12.44 -23.86
C SER B 87 23.27 10.92 -23.88
N ILE B 88 23.74 10.30 -22.80
CA ILE B 88 23.76 8.85 -22.69
C ILE B 88 23.38 8.45 -21.28
N ALA B 89 22.51 7.46 -21.15
CA ALA B 89 21.88 7.11 -19.88
C ALA B 89 22.45 5.85 -19.25
N ALA B 90 22.49 4.73 -19.96
CA ALA B 90 23.02 3.48 -19.44
C ALA B 90 24.05 2.95 -20.40
N ALA B 91 25.23 2.61 -19.87
CA ALA B 91 26.40 2.32 -20.71
C ALA B 91 27.20 1.14 -20.15
N THR B 92 26.52 0.05 -19.81
CA THR B 92 27.24 -1.15 -19.41
C THR B 92 28.03 -1.70 -20.59
N GLY B 93 29.32 -1.95 -20.38
CA GLY B 93 30.19 -2.45 -21.44
C GLY B 93 30.39 -1.49 -22.59
N PHE B 94 30.67 -0.23 -22.29
CA PHE B 94 30.78 0.82 -23.29
C PHE B 94 32.25 1.15 -23.57
N VAL B 95 32.58 1.24 -24.85
CA VAL B 95 33.86 1.75 -25.32
C VAL B 95 33.55 2.93 -26.22
N LYS B 96 34.22 4.05 -25.99
CA LYS B 96 33.79 5.37 -26.48
C LYS B 96 35.02 6.08 -27.02
N LYS B 97 35.36 5.83 -28.28
CA LYS B 97 36.66 6.23 -28.84
C LYS B 97 36.49 6.88 -30.21
N ASP B 98 35.60 7.87 -30.31
CA ASP B 98 35.38 8.54 -31.59
C ASP B 98 36.59 9.36 -32.00
N GLN B 99 36.84 9.41 -33.31
CA GLN B 99 37.99 10.11 -33.88
C GLN B 99 37.55 11.44 -34.46
N LEU B 100 38.28 12.51 -34.11
CA LEU B 100 38.01 13.83 -34.65
C LEU B 100 39.25 14.40 -35.33
N GLY C 14 11.19 -12.03 15.83
CA GLY C 14 10.71 -13.21 16.53
C GLY C 14 9.68 -12.89 17.61
N VAL C 15 8.42 -13.24 17.34
CA VAL C 15 7.33 -13.01 18.28
C VAL C 15 6.78 -14.37 18.71
N VAL C 16 6.21 -14.41 19.91
CA VAL C 16 5.60 -15.62 20.43
C VAL C 16 4.50 -15.24 21.40
N ALA C 17 3.45 -16.05 21.45
CA ALA C 17 2.32 -15.89 22.34
C ALA C 17 1.84 -17.27 22.74
N ALA C 18 1.24 -17.38 23.92
CA ALA C 18 0.83 -18.69 24.42
C ALA C 18 -0.24 -18.51 25.49
N ALA C 19 -0.69 -19.65 26.02
CA ALA C 19 -1.59 -19.70 27.16
C ALA C 19 -1.45 -21.09 27.78
N GLU C 20 -0.85 -21.17 28.96
CA GLU C 20 -0.48 -22.45 29.55
C GLU C 20 -1.08 -22.62 30.94
N LYS C 21 -1.49 -23.85 31.23
CA LYS C 21 -2.07 -24.25 32.53
C LYS C 21 -3.27 -23.39 32.90
N THR C 22 -4.14 -23.17 31.91
CA THR C 22 -5.26 -22.25 32.03
C THR C 22 -6.55 -23.01 31.76
N LYS C 23 -7.66 -22.48 32.27
CA LYS C 23 -8.97 -23.09 32.01
C LYS C 23 -9.62 -22.61 30.73
N GLN C 24 -9.34 -21.37 30.29
CA GLN C 24 -9.97 -20.84 29.08
C GLN C 24 -9.02 -19.80 28.48
N GLY C 25 -8.18 -20.22 27.53
CA GLY C 25 -7.08 -19.41 27.06
C GLY C 25 -7.30 -18.68 25.74
N VAL C 26 -6.64 -17.54 25.56
CA VAL C 26 -6.72 -16.74 24.35
C VAL C 26 -5.31 -16.29 23.99
N ALA C 27 -4.78 -16.78 22.88
CA ALA C 27 -3.52 -16.29 22.36
C ALA C 27 -3.79 -15.09 21.47
N GLU C 28 -2.74 -14.48 20.94
CA GLU C 28 -2.93 -13.25 20.19
C GLU C 28 -2.06 -13.21 18.94
N ALA C 29 -2.47 -12.35 18.02
CA ALA C 29 -1.95 -12.32 16.66
C ALA C 29 -0.50 -11.89 16.58
N ALA C 30 -0.19 -10.71 17.14
CA ALA C 30 0.99 -9.91 16.80
C ALA C 30 1.03 -9.64 15.30
N GLY C 31 -0.11 -9.16 14.78
CA GLY C 31 -0.21 -8.79 13.38
C GLY C 31 -0.86 -7.45 13.21
N LYS C 32 -0.56 -6.81 12.08
CA LYS C 32 -0.95 -5.43 11.83
C LYS C 32 -2.46 -5.30 11.61
N THR C 33 -3.01 -4.18 12.09
CA THR C 33 -4.36 -3.73 11.78
C THR C 33 -4.27 -2.29 11.31
N LYS C 34 -5.19 -1.91 10.43
CA LYS C 34 -5.24 -0.54 9.89
C LYS C 34 -6.70 -0.12 9.83
N GLU C 35 -7.20 0.47 10.90
CA GLU C 35 -8.62 0.81 11.03
C GLU C 35 -8.77 2.32 11.19
N GLY C 36 -8.77 3.02 10.07
CA GLY C 36 -8.81 4.47 10.10
C GLY C 36 -8.33 5.03 8.79
N VAL C 37 -8.42 6.36 8.67
CA VAL C 37 -8.02 7.06 7.46
C VAL C 37 -6.51 7.09 7.29
N LEU C 38 -6.07 6.96 6.04
CA LEU C 38 -4.65 6.98 5.73
C LEU C 38 -4.44 7.74 4.42
N TYR C 39 -4.78 9.02 4.41
CA TYR C 39 -4.63 9.83 3.21
C TYR C 39 -3.16 9.81 2.79
N VAL C 40 -2.93 9.58 1.51
CA VAL C 40 -1.62 9.80 0.90
C VAL C 40 -1.83 10.70 -0.30
N GLY C 41 -1.11 11.82 -0.35
CA GLY C 41 -1.20 12.68 -1.52
C GLY C 41 -0.60 12.04 -2.75
N SER C 42 0.57 11.42 -2.59
CA SER C 42 1.23 10.69 -3.67
C SER C 42 2.28 9.77 -3.07
N LYS C 43 2.07 8.46 -3.16
CA LYS C 43 3.05 7.48 -2.69
C LYS C 43 3.83 6.98 -3.89
N THR C 44 4.82 7.78 -4.31
CA THR C 44 5.53 7.53 -5.55
C THR C 44 6.96 7.07 -5.29
N LYS C 45 7.34 5.96 -5.90
CA LYS C 45 8.74 5.65 -6.17
C LYS C 45 9.07 6.20 -7.55
N GLU C 46 10.18 6.90 -7.67
CA GLU C 46 10.53 7.61 -8.90
C GLU C 46 11.97 7.35 -9.32
N GLY C 47 12.35 6.07 -9.37
CA GLY C 47 13.68 5.72 -9.86
C GLY C 47 14.55 4.96 -8.88
N VAL C 48 13.94 4.08 -8.09
CA VAL C 48 14.62 3.46 -6.96
C VAL C 48 15.01 2.03 -7.30
N VAL C 49 15.89 1.46 -6.48
CA VAL C 49 16.37 0.08 -6.62
C VAL C 49 15.98 -0.68 -5.35
N HIS C 50 16.12 -2.00 -5.39
CA HIS C 50 15.68 -2.81 -4.25
C HIS C 50 16.33 -4.19 -4.29
N GLY C 51 16.87 -4.61 -3.14
CA GLY C 51 17.11 -6.01 -2.86
C GLY C 51 18.52 -6.52 -3.11
N VAL C 52 19.33 -5.83 -3.91
CA VAL C 52 20.56 -6.40 -4.44
C VAL C 52 21.64 -6.33 -3.37
N ALA C 53 21.99 -7.49 -2.80
CA ALA C 53 23.03 -7.60 -1.78
C ALA C 53 23.74 -8.94 -1.96
N THR C 54 24.96 -8.91 -2.49
CA THR C 54 25.71 -10.13 -2.76
C THR C 54 26.30 -10.70 -1.47
N VAL C 55 26.10 -12.00 -1.26
CA VAL C 55 26.71 -12.73 -0.17
C VAL C 55 27.78 -13.62 -0.76
N ALA C 56 29.05 -13.24 -0.59
CA ALA C 56 30.18 -13.98 -1.14
C ALA C 56 30.64 -15.04 -0.16
N GLU C 57 31.10 -16.17 -0.72
CA GLU C 57 31.56 -17.28 0.11
C GLU C 57 32.54 -18.12 -0.69
N LYS C 58 33.74 -18.32 -0.14
CA LYS C 58 34.81 -19.11 -0.75
C LYS C 58 35.19 -18.58 -2.13
N THR C 59 35.30 -17.26 -2.25
CA THR C 59 35.70 -16.63 -3.49
C THR C 59 37.22 -16.52 -3.57
N LYS C 60 37.74 -16.53 -4.79
CA LYS C 60 39.18 -16.54 -5.07
C LYS C 60 39.51 -15.55 -6.18
N GLU C 61 39.03 -14.32 -6.04
CA GLU C 61 39.22 -13.30 -7.06
C GLU C 61 40.69 -12.90 -7.18
N GLN C 62 41.10 -12.62 -8.42
CA GLN C 62 42.44 -12.14 -8.74
C GLN C 62 42.33 -10.96 -9.67
N VAL C 63 43.13 -9.92 -9.42
CA VAL C 63 43.11 -8.69 -10.20
C VAL C 63 44.55 -8.36 -10.59
N THR C 64 44.77 -8.07 -11.87
CA THR C 64 46.08 -7.64 -12.36
C THR C 64 45.85 -6.49 -13.33
N ASN C 65 45.88 -5.28 -12.81
CA ASN C 65 45.67 -4.05 -13.58
C ASN C 65 46.97 -3.30 -13.72
N VAL C 66 47.30 -2.89 -14.94
CA VAL C 66 48.56 -2.21 -15.19
C VAL C 66 48.26 -0.89 -15.91
N GLY C 67 47.14 -0.27 -15.55
CA GLY C 67 46.81 1.04 -16.11
C GLY C 67 45.40 1.22 -16.64
N GLY C 68 44.47 0.38 -16.19
CA GLY C 68 43.08 0.54 -16.56
C GLY C 68 42.17 0.83 -15.37
N ALA C 69 41.10 0.05 -15.24
CA ALA C 69 40.17 0.19 -14.13
C ALA C 69 39.49 -1.14 -13.87
N VAL C 70 39.40 -1.52 -12.59
CA VAL C 70 38.73 -2.75 -12.18
C VAL C 70 37.84 -2.44 -10.98
N VAL C 71 36.58 -2.88 -11.03
CA VAL C 71 35.65 -2.79 -9.92
C VAL C 71 35.09 -4.18 -9.65
N THR C 72 34.92 -4.51 -8.38
CA THR C 72 34.31 -5.78 -7.98
C THR C 72 33.32 -5.44 -6.84
N GLY C 73 32.41 -4.51 -7.13
CA GLY C 73 31.36 -4.12 -6.21
C GLY C 73 30.08 -4.90 -6.43
N VAL C 74 28.97 -4.31 -6.01
CA VAL C 74 27.62 -4.83 -6.29
C VAL C 74 26.84 -3.66 -6.89
N THR C 75 26.84 -3.56 -8.22
CA THR C 75 26.43 -2.32 -8.88
C THR C 75 24.94 -2.04 -8.70
N ALA C 76 24.61 -0.76 -8.51
CA ALA C 76 23.23 -0.29 -8.37
C ALA C 76 23.21 1.21 -8.58
N VAL C 77 22.43 1.68 -9.56
CA VAL C 77 22.34 3.10 -9.87
C VAL C 77 20.89 3.54 -9.72
N ALA C 78 20.71 4.74 -9.17
CA ALA C 78 19.39 5.34 -8.99
C ALA C 78 19.55 6.83 -9.23
N GLN C 79 18.79 7.38 -10.17
CA GLN C 79 18.86 8.79 -10.51
C GLN C 79 17.45 9.32 -10.78
N LYS C 80 17.35 10.63 -10.91
CA LYS C 80 16.11 11.25 -11.37
C LYS C 80 16.33 12.23 -12.52
N THR C 81 17.44 12.96 -12.53
CA THR C 81 17.64 14.01 -13.52
C THR C 81 19.13 14.24 -13.70
N VAL C 82 19.57 14.29 -14.97
CA VAL C 82 20.87 14.86 -15.29
C VAL C 82 20.65 15.92 -16.36
N GLU C 83 21.58 16.85 -16.46
CA GLU C 83 21.48 17.98 -17.36
C GLU C 83 22.85 18.22 -18.00
N GLY C 84 22.83 18.75 -19.21
CA GLY C 84 24.05 19.16 -19.87
C GLY C 84 24.31 18.41 -21.17
N ALA C 85 24.91 19.12 -22.12
CA ALA C 85 25.08 18.58 -23.46
C ALA C 85 26.08 17.42 -23.46
N GLY C 86 25.62 16.26 -23.89
CA GLY C 86 26.48 15.09 -23.97
C GLY C 86 26.84 14.47 -22.64
N SER C 87 26.04 14.72 -21.60
CA SER C 87 26.32 14.15 -20.29
C SER C 87 26.04 12.65 -20.30
N ILE C 88 26.72 11.94 -19.41
CA ILE C 88 26.57 10.49 -19.30
C ILE C 88 26.20 10.15 -17.86
N ALA C 89 25.21 9.26 -17.72
CA ALA C 89 24.55 9.00 -16.45
C ALA C 89 25.08 7.76 -15.74
N ALA C 90 25.06 6.61 -16.39
CA ALA C 90 25.56 5.37 -15.82
C ALA C 90 26.61 4.79 -16.76
N ALA C 91 27.80 4.53 -16.23
CA ALA C 91 28.96 4.22 -17.05
C ALA C 91 29.71 3.02 -16.49
N THR C 92 28.99 1.93 -16.23
CA THR C 92 29.63 0.70 -15.79
C THR C 92 30.46 0.11 -16.93
N GLY C 93 31.77 -0.04 -16.71
CA GLY C 93 32.65 -0.55 -17.75
C GLY C 93 32.82 0.39 -18.92
N PHE C 94 33.15 1.64 -18.65
CA PHE C 94 33.24 2.69 -19.65
C PHE C 94 34.70 3.04 -19.90
N VAL C 95 35.05 3.25 -21.17
CA VAL C 95 36.38 3.71 -21.56
C VAL C 95 36.18 4.84 -22.57
N LYS C 96 36.43 6.07 -22.15
CA LYS C 96 36.18 7.27 -22.94
C LYS C 96 37.53 7.83 -23.40
N LYS C 97 37.87 7.57 -24.67
CA LYS C 97 39.18 7.90 -25.24
C LYS C 97 39.03 8.56 -26.60
N ASP C 98 38.20 9.60 -26.69
CA ASP C 98 37.99 10.29 -27.96
C ASP C 98 39.23 11.07 -28.37
N GLN C 99 39.62 10.91 -29.64
CA GLN C 99 40.65 11.73 -30.25
C GLN C 99 40.04 13.05 -30.68
N LEU C 100 40.79 14.14 -30.53
CA LEU C 100 40.30 15.46 -30.92
C LEU C 100 41.43 16.29 -31.54
N VAL D 37 -23.16 -22.15 26.54
CA VAL D 37 -22.46 -22.98 27.51
C VAL D 37 -20.97 -22.97 27.22
N LEU D 38 -20.60 -23.22 25.96
CA LEU D 38 -19.23 -23.08 25.48
C LEU D 38 -19.31 -22.37 24.13
N TYR D 39 -19.26 -21.05 24.15
CA TYR D 39 -19.44 -20.24 22.96
C TYR D 39 -18.19 -19.39 22.77
N VAL D 40 -17.58 -19.44 21.60
CA VAL D 40 -16.48 -18.55 21.24
C VAL D 40 -16.80 -17.97 19.87
N GLY D 41 -16.91 -16.65 19.78
CA GLY D 41 -17.11 -15.97 18.53
C GLY D 41 -15.84 -15.22 18.13
N SER D 42 -15.39 -15.48 16.92
CA SER D 42 -14.15 -14.92 16.40
C SER D 42 -14.46 -14.15 15.13
N LYS D 43 -14.27 -12.82 15.17
CA LYS D 43 -14.45 -11.91 14.04
C LYS D 43 -15.87 -11.97 13.47
N THR D 44 -16.86 -12.19 14.33
CA THR D 44 -18.25 -12.15 13.89
C THR D 44 -18.68 -10.71 13.65
N LYS D 45 -19.82 -10.56 12.98
CA LYS D 45 -20.38 -9.26 12.61
C LYS D 45 -21.89 -9.32 12.73
N GLU D 46 -22.46 -8.52 13.63
CA GLU D 46 -23.91 -8.48 13.84
C GLU D 46 -24.35 -7.03 13.71
N GLY D 47 -24.91 -6.68 12.55
CA GLY D 47 -25.27 -5.31 12.30
C GLY D 47 -24.08 -4.46 11.92
N VAL D 48 -23.42 -4.76 10.81
CA VAL D 48 -22.22 -4.05 10.41
C VAL D 48 -22.39 -3.54 9.00
N VAL D 49 -22.03 -2.27 8.77
CA VAL D 49 -21.95 -1.70 7.45
C VAL D 49 -20.49 -1.31 7.22
N HIS D 50 -19.89 -1.79 6.14
CA HIS D 50 -18.51 -1.38 5.91
C HIS D 50 -18.16 -1.32 4.43
N GLY D 51 -17.18 -0.48 4.12
CA GLY D 51 -16.78 -0.31 2.73
C GLY D 51 -17.83 0.35 1.88
N VAL D 52 -18.14 1.62 2.14
CA VAL D 52 -19.13 2.38 1.39
C VAL D 52 -18.46 3.64 0.86
N ALA D 53 -18.19 3.68 -0.43
CA ALA D 53 -17.47 4.79 -1.02
C ALA D 53 -18.24 5.38 -2.18
N THR D 54 -18.02 6.67 -2.43
CA THR D 54 -18.53 7.33 -3.62
C THR D 54 -17.41 8.17 -4.22
N VAL D 55 -17.29 8.15 -5.54
CA VAL D 55 -16.32 8.97 -6.27
C VAL D 55 -17.10 9.80 -7.27
N ALA D 56 -16.78 11.09 -7.34
CA ALA D 56 -17.62 12.07 -8.03
C ALA D 56 -16.79 13.02 -8.87
N GLU D 57 -15.94 12.47 -9.75
CA GLU D 57 -15.19 13.31 -10.68
C GLU D 57 -16.13 14.02 -11.65
N LYS D 58 -15.86 15.31 -11.89
CA LYS D 58 -16.58 16.16 -12.84
C LYS D 58 -18.08 16.28 -12.55
N THR D 59 -18.49 16.04 -11.30
CA THR D 59 -19.91 15.98 -10.99
C THR D 59 -20.46 17.37 -10.71
N LYS D 60 -21.49 17.75 -11.45
CA LYS D 60 -22.25 18.97 -11.20
C LYS D 60 -23.61 18.58 -10.66
N GLU D 61 -24.12 19.36 -9.70
CA GLU D 61 -25.39 19.00 -9.08
C GLU D 61 -26.06 20.26 -8.55
N GLN D 62 -27.39 20.32 -8.67
CA GLN D 62 -28.18 21.39 -8.09
C GLN D 62 -29.37 20.80 -7.37
N VAL D 63 -29.70 21.34 -6.21
CA VAL D 63 -30.89 20.95 -5.45
C VAL D 63 -31.62 22.20 -5.01
N THR D 64 -32.89 22.31 -5.38
CA THR D 64 -33.73 23.48 -5.12
C THR D 64 -34.93 23.08 -4.24
N ASN D 65 -34.63 22.31 -3.19
CA ASN D 65 -35.66 21.78 -2.30
C ASN D 65 -36.43 22.91 -1.60
N VAL D 66 -37.75 22.84 -1.63
CA VAL D 66 -38.63 23.82 -0.99
C VAL D 66 -39.64 23.04 -0.16
N GLY D 67 -39.38 22.91 1.14
CA GLY D 67 -40.34 22.30 2.02
C GLY D 67 -40.40 20.79 1.97
N GLY D 68 -39.41 20.15 1.37
CA GLY D 68 -39.35 18.70 1.30
C GLY D 68 -38.09 18.18 1.95
N ALA D 69 -37.64 17.02 1.48
CA ALA D 69 -36.49 16.33 2.03
C ALA D 69 -35.66 15.75 0.90
N VAL D 70 -34.49 16.35 0.65
CA VAL D 70 -33.57 15.89 -0.37
C VAL D 70 -32.33 15.34 0.31
N VAL D 71 -32.08 14.05 0.14
CA VAL D 71 -30.83 13.41 0.54
C VAL D 71 -30.10 13.02 -0.72
N THR D 72 -28.84 13.44 -0.84
CA THR D 72 -28.09 13.17 -2.05
C THR D 72 -26.72 12.56 -1.77
N GLY D 73 -26.30 12.50 -0.50
CA GLY D 73 -25.00 12.02 -0.14
C GLY D 73 -25.00 10.62 0.44
N VAL D 74 -23.81 10.21 0.89
CA VAL D 74 -23.63 8.88 1.46
C VAL D 74 -24.29 8.81 2.82
N THR D 75 -24.99 7.70 3.08
CA THR D 75 -25.34 7.36 4.45
C THR D 75 -25.04 5.88 4.63
N ALA D 76 -24.65 5.52 5.84
CA ALA D 76 -24.20 4.17 6.15
C ALA D 76 -24.48 3.94 7.62
N VAL D 77 -25.59 3.30 7.92
CA VAL D 77 -26.10 3.22 9.29
C VAL D 77 -26.29 1.77 9.68
N ALA D 78 -25.55 1.32 10.69
CA ALA D 78 -25.69 -0.03 11.20
C ALA D 78 -26.20 -0.01 12.63
N GLN D 79 -26.83 -1.11 13.03
CA GLN D 79 -27.48 -1.21 14.33
C GLN D 79 -27.54 -2.66 14.77
N LYS D 80 -27.31 -2.90 16.05
CA LYS D 80 -27.62 -4.18 16.68
C LYS D 80 -28.41 -3.89 17.95
N THR D 81 -29.65 -4.35 18.00
CA THR D 81 -30.55 -4.06 19.11
C THR D 81 -30.93 -5.35 19.81
N VAL D 82 -30.95 -5.31 21.13
CA VAL D 82 -31.43 -6.42 21.96
C VAL D 82 -32.67 -5.96 22.70
N GLU D 83 -33.73 -6.78 22.65
CA GLU D 83 -35.04 -6.47 23.21
C GLU D 83 -35.61 -5.17 22.65
N GLY D 84 -35.30 -4.88 21.38
CA GLY D 84 -35.76 -3.69 20.70
C GLY D 84 -37.01 -3.85 19.88
N ALA D 85 -38.16 -3.99 20.53
CA ALA D 85 -39.42 -4.17 19.80
C ALA D 85 -39.79 -2.92 19.03
N GLY D 86 -39.86 -3.05 17.71
CA GLY D 86 -40.18 -1.94 16.83
C GLY D 86 -39.03 -0.97 16.62
N SER D 87 -37.91 -1.47 16.13
CA SER D 87 -36.69 -0.68 16.00
C SER D 87 -36.44 -0.34 14.53
N ILE D 88 -36.26 0.94 14.26
CA ILE D 88 -35.99 1.45 12.91
C ILE D 88 -34.52 1.81 12.83
N ALA D 89 -33.92 1.60 11.65
CA ALA D 89 -32.52 1.93 11.47
C ALA D 89 -32.27 3.09 10.51
N ALA D 90 -33.18 3.35 9.59
CA ALA D 90 -33.01 4.46 8.68
C ALA D 90 -34.26 5.30 8.67
N ALA D 91 -34.07 6.61 8.60
CA ALA D 91 -35.12 7.59 8.41
C ALA D 91 -34.65 8.62 7.40
N THR D 92 -34.04 8.14 6.32
CA THR D 92 -33.24 8.98 5.45
C THR D 92 -34.10 9.62 4.37
N GLY D 93 -34.18 10.95 4.40
CA GLY D 93 -34.77 11.71 3.31
C GLY D 93 -36.25 11.52 3.08
N PHE D 94 -37.03 11.48 4.15
CA PHE D 94 -38.46 11.30 4.01
C PHE D 94 -39.21 12.46 4.64
N VAL D 95 -40.53 12.40 4.59
CA VAL D 95 -41.40 13.46 5.12
C VAL D 95 -42.51 12.78 5.91
N LYS D 96 -42.53 13.03 7.21
CA LYS D 96 -43.58 12.50 8.09
C LYS D 96 -44.55 13.61 8.44
N LYS D 97 -45.80 13.44 8.06
CA LYS D 97 -46.88 14.40 8.34
C LYS D 97 -48.11 13.66 8.85
N ASP D 98 -47.90 12.81 9.84
CA ASP D 98 -48.98 12.03 10.43
C ASP D 98 -50.00 12.93 11.13
N GLN D 99 -51.21 12.41 11.24
CA GLN D 99 -52.29 13.14 11.92
C GLN D 99 -53.04 12.18 12.84
N VAL E 37 -21.91 -19.04 29.67
CA VAL E 37 -21.17 -19.79 30.67
C VAL E 37 -19.67 -19.69 30.42
N LEU E 38 -19.25 -20.00 29.19
CA LEU E 38 -17.86 -19.90 28.78
C LEU E 38 -17.86 -19.13 27.46
N TYR E 39 -17.90 -17.79 27.52
CA TYR E 39 -18.07 -17.00 26.31
C TYR E 39 -16.82 -16.18 26.03
N VAL E 40 -16.24 -16.38 24.85
CA VAL E 40 -15.02 -15.69 24.42
C VAL E 40 -15.38 -14.86 23.20
N GLY E 41 -15.65 -13.58 23.40
CA GLY E 41 -15.80 -12.68 22.28
C GLY E 41 -14.45 -12.16 21.81
N SER E 42 -14.07 -12.47 20.59
CA SER E 42 -12.79 -12.05 20.04
C SER E 42 -13.04 -11.37 18.70
N LYS E 43 -12.73 -10.08 18.64
CA LYS E 43 -12.87 -9.21 17.46
C LYS E 43 -14.31 -9.13 16.95
N THR E 44 -15.29 -9.40 17.81
CA THR E 44 -16.67 -9.41 17.39
C THR E 44 -17.21 -7.99 17.24
N LYS E 45 -17.81 -7.72 16.08
CA LYS E 45 -18.40 -6.43 15.78
C LYS E 45 -19.91 -6.53 15.96
N GLU E 46 -20.51 -5.49 16.55
CA GLU E 46 -21.93 -5.50 16.86
C GLU E 46 -22.43 -4.06 16.81
N GLY E 47 -23.06 -3.69 15.70
CA GLY E 47 -23.43 -2.30 15.48
C GLY E 47 -22.22 -1.47 15.12
N VAL E 48 -21.57 -1.76 14.00
CA VAL E 48 -20.33 -1.10 13.61
C VAL E 48 -20.47 -0.58 12.19
N VAL E 49 -20.04 0.66 11.96
CA VAL E 49 -19.93 1.22 10.62
C VAL E 49 -18.48 1.59 10.39
N HIS E 50 -17.89 1.13 9.30
CA HIS E 50 -16.51 1.54 9.08
C HIS E 50 -16.16 1.59 7.61
N GLY E 51 -15.08 2.29 7.30
CA GLY E 51 -14.64 2.47 5.93
C GLY E 51 -15.68 3.14 5.04
N VAL E 52 -16.08 4.35 5.36
CA VAL E 52 -17.07 5.08 4.58
C VAL E 52 -16.39 6.33 4.03
N ALA E 53 -16.07 6.31 2.74
CA ALA E 53 -15.32 7.40 2.12
C ALA E 53 -16.17 8.14 1.10
N THR E 54 -15.63 9.28 0.68
CA THR E 54 -16.20 10.13 -0.36
C THR E 54 -15.03 10.81 -1.06
N VAL E 55 -15.06 10.87 -2.39
CA VAL E 55 -14.07 11.59 -3.18
C VAL E 55 -14.84 12.50 -4.13
N ALA E 56 -14.39 13.75 -4.24
CA ALA E 56 -15.19 14.79 -4.89
C ALA E 56 -14.33 15.66 -5.80
N GLU E 57 -13.56 15.04 -6.69
CA GLU E 57 -12.79 15.81 -7.66
C GLU E 57 -13.70 16.60 -8.58
N LYS E 58 -13.36 17.88 -8.79
CA LYS E 58 -14.00 18.77 -9.77
C LYS E 58 -15.49 18.96 -9.53
N THR E 59 -15.97 18.76 -8.30
CA THR E 59 -17.40 18.79 -8.04
C THR E 59 -17.89 20.22 -7.88
N LYS E 60 -19.00 20.53 -8.55
CA LYS E 60 -19.70 21.80 -8.37
C LYS E 60 -21.11 21.49 -7.86
N GLU E 61 -21.53 22.21 -6.82
CA GLU E 61 -22.81 21.94 -6.21
C GLU E 61 -23.48 23.25 -5.80
N GLN E 62 -24.79 23.36 -6.04
CA GLN E 62 -25.58 24.47 -5.54
C GLN E 62 -26.81 23.92 -4.85
N VAL E 63 -27.10 24.43 -3.66
CA VAL E 63 -28.29 24.06 -2.90
C VAL E 63 -29.00 25.35 -2.49
N THR E 64 -30.29 25.43 -2.80
CA THR E 64 -31.11 26.61 -2.53
C THR E 64 -32.30 26.21 -1.68
N ASN E 65 -32.04 25.49 -0.60
CA ASN E 65 -33.09 24.93 0.24
C ASN E 65 -33.86 26.03 0.95
N VAL E 66 -35.20 25.95 0.92
CA VAL E 66 -36.08 26.90 1.57
C VAL E 66 -37.08 26.12 2.40
N GLY E 67 -36.89 26.10 3.72
CA GLY E 67 -37.86 25.50 4.61
C GLY E 67 -37.90 24.00 4.61
N GLY E 68 -36.90 23.34 4.01
CA GLY E 68 -36.87 21.89 4.01
C GLY E 68 -35.57 21.34 4.55
N ALA E 69 -35.33 20.05 4.33
CA ALA E 69 -34.14 19.37 4.82
C ALA E 69 -33.32 18.89 3.63
N VAL E 70 -32.04 19.26 3.59
CA VAL E 70 -31.13 18.87 2.53
C VAL E 70 -29.88 18.29 3.18
N VAL E 71 -29.47 17.10 2.73
CA VAL E 71 -28.26 16.45 3.22
C VAL E 71 -27.42 16.05 2.01
N THR E 72 -26.13 16.41 2.05
CA THR E 72 -25.15 16.03 1.04
C THR E 72 -23.94 15.34 1.67
N GLY E 73 -23.58 15.68 2.91
CA GLY E 73 -22.41 15.12 3.53
C GLY E 73 -22.55 13.66 3.90
N VAL E 74 -21.43 12.96 4.06
CA VAL E 74 -21.44 11.54 4.32
C VAL E 74 -21.76 11.31 5.79
N THR E 75 -22.81 10.53 6.07
CA THR E 75 -23.23 10.21 7.42
C THR E 75 -22.95 8.74 7.69
N ALA E 76 -22.21 8.48 8.77
CA ALA E 76 -21.83 7.12 9.14
C ALA E 76 -22.19 6.93 10.60
N VAL E 77 -23.23 6.16 10.87
CA VAL E 77 -23.82 6.07 12.20
C VAL E 77 -23.93 4.61 12.63
N ALA E 78 -23.44 4.30 13.82
CA ALA E 78 -23.59 2.97 14.38
C ALA E 78 -24.24 3.07 15.73
N GLN E 79 -24.86 1.96 16.17
CA GLN E 79 -25.59 1.98 17.43
C GLN E 79 -25.78 0.55 17.91
N LYS E 80 -25.43 0.28 19.17
CA LYS E 80 -25.71 -1.00 19.79
C LYS E 80 -26.57 -0.75 21.03
N THR E 81 -27.85 -1.02 20.93
CA THR E 81 -28.81 -0.72 21.99
C THR E 81 -29.12 -2.01 22.75
N VAL E 82 -28.94 -1.97 24.06
CA VAL E 82 -29.35 -3.06 24.94
C VAL E 82 -30.60 -2.62 25.67
N GLU E 83 -31.63 -3.48 25.66
CA GLU E 83 -32.96 -3.20 26.22
C GLU E 83 -33.57 -1.93 25.62
N GLY E 84 -33.27 -1.67 24.35
CA GLY E 84 -33.74 -0.50 23.66
C GLY E 84 -34.99 -0.68 22.83
N ALA E 85 -36.14 -0.84 23.48
CA ALA E 85 -37.40 -1.02 22.77
C ALA E 85 -37.78 0.25 22.02
N GLY E 86 -37.92 0.13 20.70
CA GLY E 86 -38.31 1.25 19.86
C GLY E 86 -37.21 2.26 19.63
N SER E 87 -36.07 1.82 19.08
CA SER E 87 -34.87 2.64 18.97
C SER E 87 -34.59 2.97 17.51
N ILE E 88 -34.61 4.25 17.18
CA ILE E 88 -34.23 4.72 15.85
C ILE E 88 -32.70 4.74 15.80
N ALA E 89 -32.15 4.81 14.59
CA ALA E 89 -30.70 4.91 14.44
C ALA E 89 -30.26 6.15 13.68
N ALA E 90 -30.95 6.49 12.60
CA ALA E 90 -30.66 7.70 11.86
C ALA E 90 -31.95 8.49 11.69
N ALA E 91 -31.79 9.79 11.49
CA ALA E 91 -32.87 10.69 11.14
C ALA E 91 -32.40 11.69 10.10
N THR E 92 -31.68 11.19 9.10
CA THR E 92 -30.90 12.04 8.22
C THR E 92 -31.78 12.72 7.18
N GLY E 93 -31.80 14.05 7.21
CA GLY E 93 -32.42 14.85 6.17
C GLY E 93 -33.90 14.67 5.96
N PHE E 94 -34.68 14.67 7.05
CA PHE E 94 -36.12 14.51 6.95
C PHE E 94 -36.84 15.70 7.57
N VAL E 95 -38.16 15.71 7.40
CA VAL E 95 -39.01 16.79 7.88
C VAL E 95 -40.17 16.14 8.62
N LYS E 96 -40.27 16.40 9.92
CA LYS E 96 -41.33 15.88 10.77
C LYS E 96 -42.29 17.00 11.12
N LYS E 97 -43.53 16.88 10.68
CA LYS E 97 -44.58 17.86 10.94
C LYS E 97 -45.86 17.16 11.36
N ASP E 98 -45.74 16.26 12.32
CA ASP E 98 -46.88 15.53 12.85
C ASP E 98 -47.81 16.46 13.64
N GLN E 99 -48.97 15.93 14.02
CA GLN E 99 -49.90 16.65 14.87
C GLN E 99 -50.61 15.68 15.80
N VAL F 37 -20.83 -16.01 31.88
CA VAL F 37 -20.26 -16.26 33.19
C VAL F 37 -18.75 -16.04 33.14
N LEU F 38 -18.08 -16.58 32.12
CA LEU F 38 -16.64 -16.37 31.93
C LEU F 38 -16.48 -15.63 30.62
N TYR F 39 -16.57 -14.30 30.67
CA TYR F 39 -16.56 -13.45 29.50
C TYR F 39 -15.14 -12.95 29.24
N VAL F 40 -14.65 -13.18 28.03
CA VAL F 40 -13.32 -12.74 27.60
C VAL F 40 -13.51 -11.95 26.32
N GLY F 41 -13.63 -10.63 26.43
CA GLY F 41 -13.72 -9.77 25.26
C GLY F 41 -12.35 -9.28 24.86
N SER F 42 -12.10 -9.24 23.55
CA SER F 42 -10.79 -8.82 23.03
C SER F 42 -11.02 -8.17 21.68
N LYS F 43 -10.86 -6.84 21.62
CA LYS F 43 -11.07 -6.00 20.45
C LYS F 43 -12.50 -6.05 19.93
N THR F 44 -13.46 -6.38 20.80
CA THR F 44 -14.85 -6.42 20.38
C THR F 44 -15.41 -5.00 20.29
N LYS F 45 -16.01 -4.68 19.16
CA LYS F 45 -16.56 -3.36 18.89
C LYS F 45 -18.07 -3.41 19.02
N GLU F 46 -18.63 -2.45 19.74
CA GLU F 46 -20.07 -2.36 19.98
C GLU F 46 -20.49 -0.90 19.90
N GLY F 47 -20.97 -0.48 18.73
CA GLY F 47 -21.27 0.92 18.52
C GLY F 47 -20.07 1.71 18.10
N VAL F 48 -19.39 1.32 17.02
CA VAL F 48 -18.16 1.98 16.60
C VAL F 48 -18.33 2.46 15.17
N VAL F 49 -18.02 3.73 14.92
CA VAL F 49 -17.95 4.30 13.59
C VAL F 49 -16.51 4.71 13.35
N HIS F 50 -15.86 4.14 12.34
CA HIS F 50 -14.46 4.49 12.17
C HIS F 50 -14.02 4.46 10.72
N GLY F 51 -12.96 5.20 10.42
CA GLY F 51 -12.50 5.33 9.05
C GLY F 51 -13.53 5.98 8.15
N VAL F 52 -13.90 7.23 8.43
CA VAL F 52 -14.91 7.95 7.65
C VAL F 52 -14.22 9.19 7.10
N ALA F 53 -13.74 9.09 5.86
CA ALA F 53 -13.06 10.20 5.23
C ALA F 53 -13.94 10.84 4.16
N THR F 54 -13.55 12.05 3.78
CA THR F 54 -14.07 12.67 2.57
C THR F 54 -12.95 13.52 1.98
N VAL F 55 -12.88 13.55 0.66
CA VAL F 55 -11.86 14.28 -0.07
C VAL F 55 -12.58 15.19 -1.05
N ALA F 56 -12.09 16.42 -1.20
CA ALA F 56 -12.82 17.50 -1.86
C ALA F 56 -11.90 18.28 -2.78
N GLU F 57 -11.20 17.57 -3.66
CA GLU F 57 -10.32 18.21 -4.64
C GLU F 57 -11.08 19.18 -5.52
N LYS F 58 -10.72 20.46 -5.40
CA LYS F 58 -11.31 21.62 -6.10
C LYS F 58 -12.83 21.53 -6.23
N THR F 59 -13.49 21.46 -5.07
CA THR F 59 -14.94 21.43 -5.00
C THR F 59 -15.49 22.81 -4.70
N LYS F 60 -16.35 23.30 -5.60
CA LYS F 60 -17.08 24.54 -5.38
C LYS F 60 -18.50 24.20 -4.92
N GLU F 61 -18.96 24.84 -3.86
CA GLU F 61 -20.28 24.57 -3.32
C GLU F 61 -20.91 25.86 -2.82
N GLN F 62 -22.17 26.07 -3.17
CA GLN F 62 -22.92 27.24 -2.72
C GLN F 62 -24.22 26.77 -2.07
N VAL F 63 -24.51 27.29 -0.89
CA VAL F 63 -25.74 26.98 -0.16
C VAL F 63 -26.41 28.29 0.20
N THR F 64 -27.71 28.40 -0.07
CA THR F 64 -28.50 29.57 0.24
C THR F 64 -29.73 29.17 1.05
N ASN F 65 -29.50 28.40 2.11
CA ASN F 65 -30.59 27.90 2.94
C ASN F 65 -31.33 29.03 3.62
N VAL F 66 -32.66 29.00 3.54
CA VAL F 66 -33.54 30.00 4.16
C VAL F 66 -34.58 29.24 4.98
N GLY F 67 -34.38 29.18 6.28
CA GLY F 67 -35.40 28.64 7.16
C GLY F 67 -35.50 27.14 7.19
N GLY F 68 -34.50 26.42 6.69
CA GLY F 68 -34.49 24.98 6.73
C GLY F 68 -33.19 24.45 7.30
N ALA F 69 -33.07 23.12 7.28
CA ALA F 69 -31.89 22.43 7.77
C ALA F 69 -31.07 21.94 6.58
N VAL F 70 -29.78 22.24 6.58
CA VAL F 70 -28.87 21.86 5.52
C VAL F 70 -27.62 21.26 6.15
N VAL F 71 -27.23 20.07 5.71
CA VAL F 71 -26.00 19.42 6.15
C VAL F 71 -25.22 19.04 4.90
N THR F 72 -23.98 19.50 4.80
CA THR F 72 -23.10 19.14 3.69
C THR F 72 -21.78 18.53 4.19
N GLY F 73 -21.58 18.44 5.50
CA GLY F 73 -20.36 17.91 6.07
C GLY F 73 -20.54 16.49 6.59
N VAL F 74 -19.41 15.88 6.95
CA VAL F 74 -19.38 14.49 7.38
C VAL F 74 -19.78 14.43 8.86
N THR F 75 -20.80 13.63 9.15
CA THR F 75 -21.24 13.40 10.53
C THR F 75 -21.07 11.92 10.80
N ALA F 76 -20.16 11.59 11.71
CA ALA F 76 -19.80 10.21 12.02
C ALA F 76 -20.10 9.97 13.50
N VAL F 77 -21.28 9.42 13.79
CA VAL F 77 -21.79 9.37 15.16
C VAL F 77 -22.10 7.93 15.54
N ALA F 78 -21.41 7.42 16.54
CA ALA F 78 -21.64 6.08 17.04
C ALA F 78 -22.15 6.14 18.47
N GLN F 79 -22.94 5.14 18.86
CA GLN F 79 -23.55 5.12 20.18
C GLN F 79 -23.64 3.69 20.68
N LYS F 80 -23.73 3.54 22.01
CA LYS F 80 -24.02 2.27 22.66
C LYS F 80 -24.76 2.54 23.95
N THR F 81 -25.82 1.77 24.22
CA THR F 81 -26.62 1.98 25.42
C THR F 81 -26.79 0.67 26.17
N VAL F 82 -27.07 0.81 27.47
CA VAL F 82 -27.65 -0.25 28.29
C VAL F 82 -28.91 0.31 28.91
N GLU F 83 -30.02 -0.44 28.82
CA GLU F 83 -31.35 0.03 29.19
C GLU F 83 -31.71 1.34 28.49
N GLY F 84 -31.35 1.44 27.22
CA GLY F 84 -31.63 2.63 26.44
C GLY F 84 -32.87 2.53 25.57
N ALA F 85 -34.03 2.41 26.22
CA ALA F 85 -35.29 2.30 25.49
C ALA F 85 -35.63 3.62 24.80
N GLY F 86 -35.98 3.53 23.52
CA GLY F 86 -36.34 4.71 22.75
C GLY F 86 -35.21 5.69 22.48
N SER F 87 -34.04 5.19 22.11
CA SER F 87 -32.87 6.02 21.87
C SER F 87 -32.54 6.06 20.39
N ILE F 88 -32.23 7.25 19.88
CA ILE F 88 -31.83 7.44 18.49
C ILE F 88 -30.40 7.95 18.47
N ALA F 89 -29.66 7.60 17.41
CA ALA F 89 -28.24 7.93 17.35
C ALA F 89 -27.95 9.14 16.47
N ALA F 90 -28.75 9.38 15.44
CA ALA F 90 -28.49 10.53 14.59
C ALA F 90 -29.77 11.32 14.40
N ALA F 91 -29.63 12.63 14.32
CA ALA F 91 -30.68 13.55 13.93
C ALA F 91 -30.12 14.58 12.97
N THR F 92 -29.38 14.12 11.97
CA THR F 92 -28.65 15.01 11.09
C THR F 92 -29.60 15.74 10.14
N GLY F 93 -29.47 17.06 10.07
CA GLY F 93 -30.09 17.88 9.05
C GLY F 93 -31.59 17.84 8.91
N PHE F 94 -32.34 17.94 10.01
CA PHE F 94 -33.78 17.73 9.93
C PHE F 94 -34.55 18.93 10.48
N VAL F 95 -35.83 18.99 10.12
CA VAL F 95 -36.71 20.09 10.52
C VAL F 95 -37.90 19.48 11.25
N LYS F 96 -38.00 19.76 12.55
CA LYS F 96 -39.09 19.26 13.39
C LYS F 96 -40.01 20.41 13.71
N LYS F 97 -41.26 20.30 13.30
CA LYS F 97 -42.30 21.29 13.56
C LYS F 97 -43.58 20.58 13.99
N ASP F 98 -43.45 19.67 14.95
CA ASP F 98 -44.59 18.92 15.46
C ASP F 98 -45.57 19.84 16.16
N GLN F 99 -46.87 19.55 16.01
CA GLN F 99 -47.92 20.33 16.63
C GLN F 99 -48.51 19.57 17.82
N UNK G 1 41.32 -27.89 -15.96
CA UNK G 1 42.28 -26.78 -16.03
C UNK G 1 41.73 -25.65 -16.91
N UNK G 2 42.63 -24.79 -17.39
CA UNK G 2 42.25 -23.68 -18.24
C UNK G 2 43.43 -23.26 -19.11
N UNK G 3 43.28 -22.12 -19.79
CA UNK G 3 44.34 -21.61 -20.66
C UNK G 3 44.19 -20.12 -20.93
N UNK G 4 45.29 -19.48 -21.30
CA UNK G 4 45.30 -18.07 -21.66
C UNK G 4 46.53 -17.74 -22.50
N UNK G 5 46.44 -16.68 -23.29
CA UNK G 5 47.55 -16.26 -24.15
C UNK G 5 47.46 -14.78 -24.48
N UNK G 6 48.50 -14.26 -25.13
CA UNK G 6 48.55 -12.86 -25.52
C UNK G 6 49.47 -12.67 -26.72
N UNK H 1 43.47 -25.44 -12.81
CA UNK H 1 44.56 -24.49 -12.92
C UNK H 1 44.27 -23.45 -13.99
N UNK H 2 45.15 -22.46 -14.10
CA UNK H 2 45.00 -21.39 -15.09
C UNK H 2 46.34 -20.70 -15.31
N UNK H 3 46.37 -19.78 -16.27
CA UNK H 3 47.58 -19.04 -16.59
C UNK H 3 47.26 -17.70 -17.24
N UNK H 4 48.28 -17.03 -17.75
CA UNK H 4 48.13 -15.75 -18.43
C UNK H 4 49.35 -15.47 -19.29
N UNK H 5 49.31 -14.37 -20.03
CA UNK H 5 50.43 -13.96 -20.88
C UNK H 5 50.41 -12.46 -21.11
N UNK I 1 45.60 -22.58 -9.02
CA UNK I 1 46.85 -22.02 -9.54
C UNK I 1 46.59 -21.00 -10.64
N UNK I 2 47.40 -19.95 -10.68
CA UNK I 2 47.30 -18.91 -11.69
C UNK I 2 48.60 -18.16 -11.81
N UNK I 3 48.70 -17.30 -12.83
CA UNK I 3 49.91 -16.52 -13.06
C UNK I 3 49.61 -15.27 -13.87
N UNK I 4 50.65 -14.53 -14.23
CA UNK I 4 50.50 -13.32 -15.01
C UNK I 4 51.76 -13.05 -15.82
N UNK I 5 51.83 -11.86 -16.43
CA UNK I 5 53.00 -11.46 -17.21
C UNK I 5 53.09 -9.94 -17.30
#